data_2ODB
#
_entry.id   2ODB
#
_cell.length_a   162.366
_cell.length_b   162.366
_cell.length_c   45.968
_cell.angle_alpha   90.00
_cell.angle_beta   90.00
_cell.angle_gamma   120.00
#
_symmetry.space_group_name_H-M   'P 65 2 2'
#
loop_
_entity.id
_entity.type
_entity.pdbx_description
1 polymer 'Human Cell Division Cycle 42 (CDC42)'
2 polymer 'Serine/threonine-protein kinase PAK 6'
3 non-polymer 'CHLORIDE ION'
4 non-polymer 'MAGNESIUM ION'
5 non-polymer 'SULFATE ION'
6 non-polymer 'PHOSPHOMETHYLPHOSPHONIC ACID GUANYLATE ESTER'
7 water water
#
loop_
_entity_poly.entity_id
_entity_poly.type
_entity_poly.pdbx_seq_one_letter_code
_entity_poly.pdbx_strand_id
1 'polypeptide(L)'
;SMQTIKCVVVGDGAVGKTCLLISYTTNKFPSEYVPTVFDNYAVTVMIGGEPYTLGLFDTAGQEDYDRLRPLSYPQTDVFL
VCFSVVSPSSFENVKEKWVPEITHHCPKTPFLLVGTQIDLRDDPSTIEKLAKNKQKPITPETAEKLARDLKAVKYVECSA
LTQKGLKNVFDEAILAALEPPEPKKSRRCVLL
;
A
2 'polypeptide(L)' EISAPQNFQHRVHTSFDPKEGKFVGLPPQWQNILD B
#
loop_
_chem_comp.id
_chem_comp.type
_chem_comp.name
_chem_comp.formula
CL non-polymer 'CHLORIDE ION' 'Cl -1'
GCP non-polymer 'PHOSPHOMETHYLPHOSPHONIC ACID GUANYLATE ESTER' 'C11 H18 N5 O13 P3'
MG non-polymer 'MAGNESIUM ION' 'Mg 2'
SO4 non-polymer 'SULFATE ION' 'O4 S -2'
#
# COMPACT_ATOMS: atom_id res chain seq x y z
N GLN A 3 -3.62 -16.61 14.43
CA GLN A 3 -4.65 -15.62 13.98
C GLN A 3 -4.15 -14.93 12.71
N THR A 4 -5.02 -14.11 12.11
CA THR A 4 -4.75 -13.42 10.85
C THR A 4 -4.59 -11.92 11.05
N ILE A 5 -3.50 -11.34 10.53
CA ILE A 5 -3.32 -9.89 10.52
C ILE A 5 -3.83 -9.33 9.19
N LYS A 6 -4.80 -8.41 9.26
CA LYS A 6 -5.32 -7.74 8.05
C LYS A 6 -4.62 -6.39 7.84
N CYS A 7 -3.84 -6.34 6.76
CA CYS A 7 -3.09 -5.16 6.37
C CYS A 7 -3.54 -4.66 4.99
N VAL A 8 -4.04 -3.41 4.96
CA VAL A 8 -4.60 -2.78 3.76
C VAL A 8 -3.68 -1.66 3.23
N VAL A 9 -3.30 -1.74 1.95
CA VAL A 9 -2.40 -0.77 1.34
C VAL A 9 -3.14 0.25 0.43
N VAL A 10 -3.10 1.52 0.79
CA VAL A 10 -3.78 2.56 0.03
C VAL A 10 -2.83 3.67 -0.43
N GLY A 11 -3.26 4.41 -1.44
CA GLY A 11 -2.46 5.52 -1.99
C GLY A 11 -2.68 5.75 -3.48
N ASP A 12 -2.36 6.95 -3.95
CA ASP A 12 -2.50 7.36 -5.36
C ASP A 12 -1.99 6.34 -6.39
N GLY A 13 -2.55 6.39 -7.60
CA GLY A 13 -2.02 5.63 -8.75
C GLY A 13 -0.55 5.93 -9.02
N ALA A 14 0.15 5.02 -9.70
CA ALA A 14 1.59 5.12 -9.94
C ALA A 14 2.49 5.25 -8.68
N VAL A 15 1.94 5.16 -7.47
CA VAL A 15 2.75 5.31 -6.23
C VAL A 15 3.64 4.09 -5.96
N GLY A 16 3.21 2.91 -6.42
CA GLY A 16 4.02 1.69 -6.32
C GLY A 16 3.53 0.66 -5.31
N LYS A 17 2.24 0.60 -5.06
CA LYS A 17 1.70 -0.26 -4.00
C LYS A 17 1.80 -1.74 -4.36
N THR A 18 1.45 -2.07 -5.61
CA THR A 18 1.55 -3.45 -6.07
C THR A 18 2.99 -3.94 -6.05
N CYS A 19 3.92 -3.13 -6.56
CA CYS A 19 5.34 -3.53 -6.57
C CYS A 19 5.93 -3.70 -5.16
N LEU A 20 5.56 -2.80 -4.26
CA LEU A 20 5.90 -2.93 -2.83
C LEU A 20 5.53 -4.33 -2.34
N LEU A 21 4.29 -4.75 -2.58
CA LEU A 21 3.78 -6.02 -2.05
C LEU A 21 4.33 -7.25 -2.76
N ILE A 22 4.45 -7.20 -4.08
CA ILE A 22 5.00 -8.35 -4.81
C ILE A 22 6.49 -8.52 -4.53
N SER A 23 7.21 -7.40 -4.39
CA SER A 23 8.64 -7.43 -4.09
C SER A 23 8.92 -8.06 -2.73
N TYR A 24 8.07 -7.76 -1.74
CA TYR A 24 8.23 -8.28 -0.38
C TYR A 24 7.75 -9.72 -0.24
N THR A 25 6.54 -10.00 -0.71
CA THR A 25 5.98 -11.34 -0.59
C THR A 25 6.71 -12.38 -1.46
N THR A 26 7.27 -11.96 -2.60
CA THR A 26 7.89 -12.89 -3.57
C THR A 26 9.37 -12.64 -3.93
N ASN A 27 9.93 -11.49 -3.51
CA ASN A 27 11.28 -11.05 -3.91
C ASN A 27 11.47 -11.02 -5.43
N LYS A 28 10.38 -10.68 -6.13
CA LYS A 28 10.39 -10.46 -7.57
C LYS A 28 9.77 -9.09 -7.81
N PHE A 29 10.29 -8.36 -8.80
CA PHE A 29 9.73 -7.06 -9.19
C PHE A 29 8.86 -7.23 -10.45
N PRO A 30 7.59 -6.80 -10.41
CA PRO A 30 6.75 -6.87 -11.60
C PRO A 30 7.36 -6.16 -12.81
N SER A 31 7.38 -6.85 -13.97
CA SER A 31 7.99 -6.31 -15.17
C SER A 31 7.04 -5.42 -15.97
N GLU A 32 5.76 -5.39 -15.59
CA GLU A 32 4.76 -4.60 -16.30
C GLU A 32 4.02 -3.70 -15.32
N TYR A 33 3.46 -2.61 -15.83
CA TYR A 33 2.52 -1.80 -15.08
C TYR A 33 1.10 -2.25 -15.44
N VAL A 34 0.36 -2.69 -14.45
CA VAL A 34 -1.05 -3.03 -14.63
C VAL A 34 -1.77 -2.48 -13.42
N PRO A 35 -2.71 -1.55 -13.63
CA PRO A 35 -3.43 -0.97 -12.49
C PRO A 35 -4.31 -1.96 -11.75
N THR A 36 -4.47 -1.73 -10.44
CA THR A 36 -5.19 -2.61 -9.55
C THR A 36 -6.66 -2.17 -9.45
N VAL A 37 -7.56 -3.14 -9.45
CA VAL A 37 -8.95 -2.94 -9.04
C VAL A 37 -8.96 -3.42 -7.59
N PHE A 38 -8.67 -4.71 -7.44
CA PHE A 38 -8.50 -5.35 -6.15
C PHE A 38 -7.69 -6.65 -6.29
N ASP A 39 -6.75 -6.84 -5.38
CA ASP A 39 -6.00 -8.09 -5.23
C ASP A 39 -5.78 -8.37 -3.75
N ASN A 40 -5.95 -9.63 -3.37
CA ASN A 40 -5.73 -10.09 -2.01
C ASN A 40 -4.65 -11.15 -2.07
N TYR A 41 -3.54 -10.92 -1.38
CA TYR A 41 -2.47 -11.91 -1.22
C TYR A 41 -2.35 -12.28 0.25
N ALA A 42 -1.87 -13.50 0.50
CA ALA A 42 -1.59 -13.95 1.87
C ALA A 42 -0.16 -14.47 1.94
N VAL A 43 0.52 -14.13 3.02
CA VAL A 43 1.76 -14.79 3.42
C VAL A 43 1.69 -15.21 4.89
N THR A 44 2.59 -16.10 5.29
CA THR A 44 2.79 -16.46 6.69
C THR A 44 4.11 -15.89 7.21
N VAL A 45 4.03 -15.27 8.38
CA VAL A 45 5.18 -14.72 9.06
C VAL A 45 5.20 -15.30 10.48
N MET A 46 6.38 -15.43 11.07
CA MET A 46 6.53 -15.91 12.45
C MET A 46 7.16 -14.82 13.31
N ILE A 47 6.51 -14.48 14.43
CA ILE A 47 7.05 -13.51 15.39
C ILE A 47 7.18 -14.17 16.73
N GLY A 48 8.41 -14.23 17.24
CA GLY A 48 8.69 -14.83 18.54
C GLY A 48 8.25 -16.27 18.68
N GLY A 49 8.31 -17.03 17.58
CA GLY A 49 7.91 -18.44 17.57
C GLY A 49 6.46 -18.70 17.19
N GLU A 50 5.71 -17.63 16.99
CA GLU A 50 4.29 -17.73 16.75
C GLU A 50 3.98 -17.32 15.30
N PRO A 51 3.42 -18.26 14.50
CA PRO A 51 3.08 -17.94 13.12
C PRO A 51 1.77 -17.17 13.01
N TYR A 52 1.70 -16.29 12.03
CA TYR A 52 0.52 -15.49 11.73
C TYR A 52 0.36 -15.49 10.24
N THR A 53 -0.88 -15.51 9.79
CA THR A 53 -1.20 -15.25 8.41
C THR A 53 -1.30 -13.75 8.28
N LEU A 54 -0.52 -13.19 7.37
CA LEU A 54 -0.60 -11.78 7.06
C LEU A 54 -1.40 -11.65 5.77
N GLY A 55 -2.60 -11.07 5.90
CA GLY A 55 -3.48 -10.85 4.76
C GLY A 55 -3.24 -9.46 4.21
N LEU A 56 -2.85 -9.41 2.94
CA LEU A 56 -2.44 -8.15 2.30
C LEU A 56 -3.43 -7.75 1.21
N PHE A 57 -4.11 -6.64 1.46
CA PHE A 57 -5.16 -6.11 0.58
C PHE A 57 -4.59 -4.99 -0.31
N ASP A 58 -4.46 -5.28 -1.61
CA ASP A 58 -3.93 -4.37 -2.62
C ASP A 58 -5.11 -3.68 -3.32
N THR A 59 -5.24 -2.39 -3.05
CA THR A 59 -6.35 -1.59 -3.51
C THR A 59 -5.98 -0.77 -4.76
N ALA A 60 -7.02 -0.23 -5.42
CA ALA A 60 -6.88 0.66 -6.58
C ALA A 60 -6.69 2.09 -6.07
N GLY A 61 -5.66 2.78 -6.52
CA GLY A 61 -5.49 4.21 -6.18
C GLY A 61 -6.31 5.15 -7.04
N GLN A 62 -6.87 4.65 -8.15
CA GLN A 62 -7.70 5.45 -9.02
C GLN A 62 -9.03 5.83 -8.32
N GLU A 63 -9.44 7.08 -8.52
CA GLU A 63 -10.64 7.66 -7.91
C GLU A 63 -11.91 6.97 -8.38
N ASP A 64 -11.84 6.25 -9.49
CA ASP A 64 -13.01 5.57 -10.06
C ASP A 64 -13.57 4.53 -9.08
N TYR A 65 -12.74 4.07 -8.15
CA TYR A 65 -13.12 3.02 -7.20
C TYR A 65 -13.41 3.58 -5.81
N ASP A 66 -13.71 4.87 -5.70
CA ASP A 66 -13.97 5.48 -4.40
C ASP A 66 -15.10 4.80 -3.63
N ARG A 67 -16.18 4.41 -4.31
CA ARG A 67 -17.31 3.79 -3.61
C ARG A 67 -17.04 2.32 -3.24
N LEU A 68 -16.23 1.66 -4.07
CA LEU A 68 -15.99 0.22 -3.96
C LEU A 68 -14.78 -0.15 -3.08
N ARG A 69 -13.72 0.63 -3.16
CA ARG A 69 -12.48 0.30 -2.47
C ARG A 69 -12.66 0.04 -0.98
N PRO A 70 -13.35 0.99 -0.29
CA PRO A 70 -13.55 0.85 1.15
C PRO A 70 -14.41 -0.33 1.56
N LEU A 71 -15.13 -0.95 0.65
CA LEU A 71 -15.87 -2.15 1.03
C LEU A 71 -14.90 -3.23 1.56
N SER A 72 -13.61 -3.07 1.28
CA SER A 72 -12.59 -4.00 1.76
C SER A 72 -11.96 -3.64 3.09
N TYR A 73 -12.37 -2.53 3.72
CA TYR A 73 -11.75 -2.02 4.94
C TYR A 73 -12.24 -2.59 6.30
N PRO A 74 -13.40 -3.26 6.34
CA PRO A 74 -13.81 -3.87 7.59
C PRO A 74 -12.76 -4.76 8.28
N GLN A 75 -12.64 -4.55 9.57
CA GLN A 75 -11.72 -5.28 10.46
C GLN A 75 -10.26 -5.24 10.03
N THR A 76 -9.85 -4.12 9.43
CA THR A 76 -8.44 -3.90 9.12
C THR A 76 -7.67 -3.73 10.43
N ASP A 77 -6.50 -4.37 10.51
CA ASP A 77 -5.66 -4.29 11.72
C ASP A 77 -4.62 -3.20 11.62
N VAL A 78 -4.18 -2.91 10.39
CA VAL A 78 -3.20 -1.86 10.11
C VAL A 78 -3.31 -1.39 8.64
N PHE A 79 -3.21 -0.08 8.43
CA PHE A 79 -3.12 0.45 7.07
C PHE A 79 -1.70 0.87 6.73
N LEU A 80 -1.30 0.66 5.48
CA LEU A 80 -0.15 1.32 4.91
C LEU A 80 -0.66 2.44 4.00
N VAL A 81 -0.41 3.69 4.38
CA VAL A 81 -0.81 4.85 3.57
C VAL A 81 0.41 5.32 2.76
N CYS A 82 0.42 5.01 1.46
CA CYS A 82 1.61 5.15 0.63
C CYS A 82 1.64 6.39 -0.26
N PHE A 83 2.84 6.93 -0.45
CA PHE A 83 3.10 7.94 -1.49
C PHE A 83 4.50 7.73 -2.07
N SER A 84 4.74 8.26 -3.26
CA SER A 84 6.06 8.20 -3.87
C SER A 84 6.84 9.43 -3.47
N VAL A 85 8.03 9.25 -2.93
CA VAL A 85 8.86 10.38 -2.49
C VAL A 85 9.20 11.33 -3.65
N VAL A 86 9.01 10.85 -4.88
CA VAL A 86 9.17 11.69 -6.08
C VAL A 86 7.85 12.02 -6.78
N SER A 87 6.76 12.06 -6.00
CA SER A 87 5.46 12.51 -6.50
C SER A 87 4.80 13.40 -5.45
N PRO A 88 5.07 14.71 -5.51
CA PRO A 88 4.48 15.66 -4.56
C PRO A 88 2.96 15.63 -4.48
N SER A 89 2.28 15.41 -5.62
CA SER A 89 0.81 15.32 -5.63
C SER A 89 0.29 14.11 -4.86
N SER A 90 1.08 13.02 -4.85
CA SER A 90 0.72 11.83 -4.08
C SER A 90 0.89 12.07 -2.58
N PHE A 91 1.90 12.86 -2.24
CA PHE A 91 2.16 13.28 -0.87
C PHE A 91 1.04 14.18 -0.34
N GLU A 92 0.56 15.12 -1.17
CA GLU A 92 -0.53 16.01 -0.77
C GLU A 92 -1.82 15.23 -0.50
N ASN A 93 -2.07 14.19 -1.32
CA ASN A 93 -3.28 13.42 -1.22
C ASN A 93 -3.33 12.56 0.02
N VAL A 94 -2.19 12.32 0.66
CA VAL A 94 -2.13 11.60 1.92
C VAL A 94 -2.97 12.34 2.93
N LYS A 95 -2.76 13.65 3.02
CA LYS A 95 -3.49 14.52 3.92
C LYS A 95 -4.93 14.78 3.43
N GLU A 96 -5.07 14.97 2.11
CA GLU A 96 -6.34 15.42 1.51
C GLU A 96 -7.35 14.31 1.23
N LYS A 97 -6.88 13.10 0.95
CA LYS A 97 -7.74 11.98 0.55
C LYS A 97 -7.62 10.72 1.39
N TRP A 98 -6.40 10.25 1.61
CA TRP A 98 -6.19 8.91 2.10
C TRP A 98 -6.36 8.78 3.60
N VAL A 99 -5.74 9.64 4.38
CA VAL A 99 -5.91 9.54 5.82
C VAL A 99 -7.36 9.86 6.22
N PRO A 100 -7.95 10.93 5.64
CA PRO A 100 -9.40 11.16 5.84
C PRO A 100 -10.27 9.97 5.51
N GLU A 101 -9.92 9.22 4.46
CA GLU A 101 -10.73 8.09 4.06
C GLU A 101 -10.68 6.92 5.05
N ILE A 102 -9.47 6.49 5.41
CA ILE A 102 -9.30 5.37 6.31
C ILE A 102 -9.71 5.73 7.76
N THR A 103 -9.54 7.00 8.15
CA THR A 103 -10.05 7.50 9.41
C THR A 103 -11.56 7.32 9.47
N HIS A 104 -12.25 7.89 8.49
CA HIS A 104 -13.70 7.77 8.40
C HIS A 104 -14.20 6.31 8.55
N HIS A 105 -13.59 5.37 7.83
CA HIS A 105 -14.04 3.98 7.87
C HIS A 105 -13.53 3.23 9.09
N CYS A 106 -12.27 3.47 9.45
CA CYS A 106 -11.64 2.79 10.58
C CYS A 106 -10.97 3.79 11.54
N PRO A 107 -11.77 4.46 12.39
CA PRO A 107 -11.27 5.56 13.25
C PRO A 107 -10.22 5.15 14.30
N LYS A 108 -10.33 3.95 14.84
CA LYS A 108 -9.41 3.50 15.87
C LYS A 108 -8.32 2.54 15.33
N THR A 109 -8.14 2.47 14.00
CA THR A 109 -7.13 1.58 13.41
C THR A 109 -5.83 2.33 13.10
N PRO A 110 -4.69 1.77 13.53
CA PRO A 110 -3.41 2.40 13.31
C PRO A 110 -2.97 2.36 11.85
N PHE A 111 -2.22 3.37 11.42
CA PHE A 111 -1.63 3.36 10.08
C PHE A 111 -0.18 3.85 10.09
N LEU A 112 0.54 3.43 9.05
CA LEU A 112 1.89 3.87 8.81
C LEU A 112 1.92 4.74 7.56
N LEU A 113 2.74 5.78 7.57
CA LEU A 113 2.99 6.57 6.39
C LEU A 113 4.18 5.94 5.69
N VAL A 114 4.01 5.55 4.43
CA VAL A 114 5.04 4.83 3.68
C VAL A 114 5.44 5.61 2.43
N GLY A 115 6.72 5.99 2.36
CA GLY A 115 7.30 6.60 1.17
C GLY A 115 7.91 5.55 0.28
N THR A 116 7.52 5.55 -0.98
CA THR A 116 7.94 4.53 -1.93
C THR A 116 8.88 5.12 -2.96
N GLN A 117 9.57 4.25 -3.69
CA GLN A 117 10.40 4.64 -4.83
C GLN A 117 11.53 5.60 -4.41
N ILE A 118 12.18 5.32 -3.27
CA ILE A 118 13.23 6.22 -2.78
C ILE A 118 14.48 6.16 -3.63
N ASP A 119 14.64 5.08 -4.41
CA ASP A 119 15.76 4.94 -5.33
C ASP A 119 15.71 5.95 -6.48
N LEU A 120 14.60 6.66 -6.63
CA LEU A 120 14.42 7.63 -7.70
C LEU A 120 14.73 9.06 -7.25
N ARG A 121 15.02 9.25 -5.96
CA ARG A 121 15.37 10.58 -5.46
C ARG A 121 16.61 11.17 -6.14
N ASP A 122 17.62 10.34 -6.32
CA ASP A 122 18.87 10.81 -6.89
C ASP A 122 18.93 10.51 -8.39
N ASP A 123 17.81 10.12 -8.99
CA ASP A 123 17.74 9.91 -10.43
C ASP A 123 17.69 11.26 -11.16
N PRO A 124 18.68 11.53 -12.03
CA PRO A 124 18.70 12.79 -12.76
C PRO A 124 17.46 13.04 -13.61
N SER A 125 17.02 12.02 -14.33
CA SER A 125 15.87 12.19 -15.25
C SER A 125 14.47 12.15 -14.60
N THR A 126 14.34 11.70 -13.35
CA THR A 126 13.08 11.97 -12.62
C THR A 126 13.18 13.29 -11.85
N ILE A 127 14.38 13.68 -11.44
CA ILE A 127 14.60 15.02 -10.86
C ILE A 127 14.32 16.10 -11.92
N GLU A 128 14.61 15.76 -13.18
CA GLU A 128 14.32 16.59 -14.34
C GLU A 128 12.82 16.73 -14.62
N LYS A 129 12.12 15.60 -14.72
CA LYS A 129 10.67 15.61 -14.94
C LYS A 129 9.99 16.47 -13.90
N LEU A 130 10.46 16.39 -12.65
CA LEU A 130 9.90 17.20 -11.57
C LEU A 130 10.26 18.67 -11.76
N ALA A 131 11.49 18.93 -12.18
CA ALA A 131 11.98 20.29 -12.40
C ALA A 131 11.31 21.01 -13.58
N LYS A 132 10.76 20.27 -14.54
CA LYS A 132 10.04 20.90 -15.67
C LYS A 132 8.74 21.56 -15.21
N ASN A 133 8.19 21.07 -14.09
CA ASN A 133 7.04 21.70 -13.44
C ASN A 133 7.39 22.30 -12.06
N LYS A 134 8.64 22.73 -11.90
CA LYS A 134 9.11 23.45 -10.71
C LYS A 134 8.72 22.76 -9.40
N GLN A 135 9.01 21.46 -9.31
CA GLN A 135 8.83 20.69 -8.07
C GLN A 135 10.03 19.78 -7.79
N LYS A 136 10.07 19.18 -6.61
CA LYS A 136 11.20 18.35 -6.18
C LYS A 136 10.74 17.21 -5.29
N PRO A 137 11.59 16.17 -5.12
CA PRO A 137 11.22 15.06 -4.22
C PRO A 137 10.87 15.49 -2.80
N ILE A 138 10.16 14.62 -2.09
CA ILE A 138 9.84 14.82 -0.68
C ILE A 138 10.98 14.29 0.18
N THR A 139 11.51 15.12 1.09
CA THR A 139 12.54 14.67 2.02
C THR A 139 11.92 13.87 3.17
N PRO A 140 12.73 13.05 3.87
CA PRO A 140 12.26 12.40 5.11
C PRO A 140 11.84 13.40 6.19
N GLU A 141 12.58 14.50 6.35
CA GLU A 141 12.20 15.54 7.32
C GLU A 141 10.73 15.93 7.13
N THR A 142 10.31 16.23 5.90
CA THR A 142 8.93 16.67 5.60
C THR A 142 7.90 15.56 5.79
N ALA A 143 8.23 14.37 5.29
CA ALA A 143 7.42 13.16 5.48
C ALA A 143 7.15 12.86 6.95
N GLU A 144 8.18 12.98 7.77
CA GLU A 144 8.10 12.71 9.20
C GLU A 144 7.23 13.70 9.97
N LYS A 145 7.20 14.97 9.53
CA LYS A 145 6.32 15.96 10.15
C LYS A 145 4.87 15.61 9.87
N LEU A 146 4.58 15.23 8.62
CA LEU A 146 3.24 14.85 8.21
C LEU A 146 2.78 13.64 9.00
N ALA A 147 3.66 12.66 9.18
CA ALA A 147 3.35 11.47 9.97
C ALA A 147 3.03 11.84 11.43
N ARG A 148 3.83 12.70 12.03
CA ARG A 148 3.57 13.14 13.40
C ARG A 148 2.21 13.83 13.50
N ASP A 149 1.94 14.70 12.53
CA ASP A 149 0.79 15.61 12.58
C ASP A 149 -0.57 14.97 12.29
N LEU A 150 -0.58 13.75 11.74
CA LEU A 150 -1.72 13.32 10.92
C LEU A 150 -2.53 12.03 11.20
N LYS A 151 -2.17 11.10 12.07
CA LYS A 151 -1.34 11.23 13.24
C LYS A 151 -0.82 9.79 13.36
N ALA A 152 0.11 9.44 12.46
CA ALA A 152 0.48 8.05 12.16
C ALA A 152 1.26 7.35 13.26
N VAL A 153 1.35 6.03 13.16
CA VAL A 153 2.19 5.24 14.10
C VAL A 153 3.65 5.67 13.93
N LYS A 154 4.12 5.64 12.68
CA LYS A 154 5.39 6.25 12.30
C LYS A 154 5.53 6.41 10.78
N TYR A 155 6.69 6.93 10.36
CA TYR A 155 7.00 7.06 8.94
C TYR A 155 8.11 6.08 8.63
N VAL A 156 7.93 5.33 7.56
CA VAL A 156 8.94 4.44 7.03
C VAL A 156 8.99 4.64 5.53
N GLU A 157 10.13 4.37 4.92
CA GLU A 157 10.23 4.44 3.48
C GLU A 157 11.09 3.33 2.93
N CYS A 158 10.97 3.11 1.63
CA CYS A 158 11.59 1.95 1.00
C CYS A 158 11.65 2.06 -0.52
N SER A 159 12.31 1.09 -1.14
CA SER A 159 12.28 0.90 -2.58
C SER A 159 11.91 -0.55 -2.86
N ALA A 160 10.81 -0.77 -3.56
CA ALA A 160 10.42 -2.10 -4.01
C ALA A 160 11.46 -2.69 -4.96
N LEU A 161 12.09 -1.85 -5.79
CA LEU A 161 13.09 -2.30 -6.78
C LEU A 161 14.40 -2.80 -6.15
N THR A 162 15.00 -1.99 -5.28
CA THR A 162 16.25 -2.37 -4.60
C THR A 162 16.00 -3.18 -3.32
N GLN A 163 14.76 -3.10 -2.81
CA GLN A 163 14.35 -3.69 -1.53
C GLN A 163 14.94 -2.99 -0.30
N LYS A 164 15.54 -1.82 -0.48
CA LYS A 164 16.02 -1.03 0.65
C LYS A 164 14.88 -0.62 1.58
N GLY A 165 14.88 -1.15 2.80
CA GLY A 165 13.92 -0.77 3.83
C GLY A 165 12.56 -1.45 3.72
N LEU A 166 12.45 -2.37 2.76
CA LEU A 166 11.16 -2.95 2.39
C LEU A 166 10.60 -3.88 3.47
N LYS A 167 11.41 -4.83 3.92
CA LYS A 167 11.02 -5.74 5.01
C LYS A 167 10.68 -4.96 6.29
N ASN A 168 11.48 -3.95 6.60
CA ASN A 168 11.20 -3.08 7.75
C ASN A 168 9.81 -2.48 7.73
N VAL A 169 9.30 -2.16 6.54
CA VAL A 169 7.99 -1.52 6.43
C VAL A 169 6.93 -2.46 6.97
N PHE A 170 7.00 -3.71 6.50
CA PHE A 170 6.05 -4.73 6.90
C PHE A 170 6.30 -5.24 8.30
N ASP A 171 7.55 -5.26 8.75
CA ASP A 171 7.84 -5.65 10.13
C ASP A 171 7.22 -4.65 11.11
N GLU A 172 7.26 -3.36 10.76
CA GLU A 172 6.62 -2.33 11.58
C GLU A 172 5.09 -2.38 11.46
N ALA A 173 4.58 -2.85 10.32
CA ALA A 173 3.13 -2.99 10.13
C ALA A 173 2.61 -4.09 11.01
N ILE A 174 3.33 -5.22 11.00
CA ILE A 174 3.06 -6.37 11.86
C ILE A 174 3.07 -5.97 13.34
N LEU A 175 4.08 -5.23 13.77
CA LEU A 175 4.18 -4.81 15.18
C LEU A 175 3.05 -3.86 15.55
N ALA A 176 2.67 -2.98 14.63
CA ALA A 176 1.54 -2.06 14.84
C ALA A 176 0.21 -2.83 15.03
N ALA A 177 0.01 -3.88 14.24
CA ALA A 177 -1.21 -4.69 14.31
C ALA A 177 -1.27 -5.51 15.60
N LEU A 178 -0.14 -6.04 16.03
CA LEU A 178 -0.10 -6.86 17.24
C LEU A 178 -0.06 -6.02 18.52
N GLU A 179 0.51 -4.81 18.46
CA GLU A 179 0.62 -3.88 19.63
C GLU A 179 -0.70 -3.66 20.40
N GLU B 1 12.58 -11.54 16.82
CA GLU B 1 12.60 -10.95 15.45
C GLU B 1 11.39 -11.44 14.65
N ILE B 2 11.26 -10.93 13.43
CA ILE B 2 10.15 -11.31 12.56
C ILE B 2 10.75 -11.96 11.33
N SER B 3 10.25 -13.15 10.98
CA SER B 3 10.73 -13.88 9.82
C SER B 3 10.37 -13.16 8.52
N ALA B 4 11.17 -13.37 7.49
CA ALA B 4 10.76 -13.09 6.13
C ALA B 4 9.45 -13.86 5.86
N PRO B 5 8.60 -13.35 4.97
CA PRO B 5 7.31 -13.98 4.67
C PRO B 5 7.46 -15.29 3.89
N GLN B 6 6.54 -16.22 4.13
CA GLN B 6 6.56 -17.53 3.49
C GLN B 6 5.18 -17.92 2.98
N ASN B 7 5.16 -18.93 2.11
CA ASN B 7 3.93 -19.57 1.61
C ASN B 7 2.97 -18.57 0.95
N PHE B 8 3.50 -17.86 -0.05
CA PHE B 8 2.76 -16.84 -0.78
C PHE B 8 1.55 -17.44 -1.47
N GLN B 9 0.40 -16.80 -1.32
CA GLN B 9 -0.82 -17.25 -2.00
C GLN B 9 -1.52 -16.00 -2.54
N HIS B 10 -1.89 -16.04 -3.81
CA HIS B 10 -2.67 -14.98 -4.45
C HIS B 10 -4.12 -15.46 -4.40
N ARG B 11 -4.88 -14.95 -3.44
CA ARG B 11 -6.22 -15.49 -3.14
C ARG B 11 -7.37 -14.88 -3.98
N VAL B 12 -7.36 -13.55 -4.15
CA VAL B 12 -8.35 -12.84 -4.97
C VAL B 12 -7.63 -12.01 -6.04
N HIS B 13 -8.08 -12.14 -7.28
CA HIS B 13 -7.66 -11.23 -8.36
C HIS B 13 -8.86 -10.72 -9.16
N THR B 14 -9.26 -9.49 -8.84
CA THR B 14 -10.32 -8.79 -9.56
C THR B 14 -9.80 -8.04 -10.80
N SER B 15 -10.49 -8.21 -11.94
CA SER B 15 -10.28 -7.42 -13.14
C SER B 15 -11.63 -7.09 -13.79
N PHE B 16 -11.65 -6.09 -14.69
CA PHE B 16 -12.79 -5.87 -15.59
C PHE B 16 -12.56 -6.75 -16.83
N ASP B 17 -13.55 -7.54 -17.23
CA ASP B 17 -13.42 -8.45 -18.47
C ASP B 17 -14.20 -7.86 -19.62
N PRO B 18 -13.52 -7.19 -20.57
CA PRO B 18 -14.23 -6.48 -21.63
C PRO B 18 -15.09 -7.30 -22.58
N LYS B 19 -14.72 -8.56 -22.81
CA LYS B 19 -15.55 -9.46 -23.61
C LYS B 19 -16.95 -9.60 -22.97
N GLU B 20 -17.01 -9.96 -21.69
CA GLU B 20 -18.27 -10.07 -20.94
C GLU B 20 -18.78 -8.68 -20.50
N GLY B 21 -17.89 -7.71 -20.37
CA GLY B 21 -18.31 -6.37 -20.03
C GLY B 21 -18.78 -6.30 -18.59
N LYS B 22 -17.99 -6.86 -17.69
CA LYS B 22 -18.27 -6.84 -16.26
C LYS B 22 -16.99 -7.25 -15.53
N PHE B 23 -16.88 -6.76 -14.30
CA PHE B 23 -15.87 -7.24 -13.38
C PHE B 23 -16.01 -8.73 -13.11
N VAL B 24 -14.89 -9.40 -12.94
CA VAL B 24 -14.84 -10.81 -12.67
C VAL B 24 -13.78 -11.00 -11.60
N GLY B 25 -13.80 -12.16 -10.94
CA GLY B 25 -12.96 -12.38 -9.76
C GLY B 25 -13.18 -11.38 -8.63
N LEU B 26 -14.44 -10.99 -8.39
CA LEU B 26 -14.80 -9.98 -7.36
C LEU B 26 -14.83 -10.52 -5.92
N PRO B 27 -14.42 -9.69 -4.95
CA PRO B 27 -14.75 -10.01 -3.58
C PRO B 27 -16.27 -10.08 -3.40
N PRO B 28 -16.75 -11.04 -2.57
CA PRO B 28 -18.18 -11.22 -2.35
C PRO B 28 -18.97 -9.99 -1.95
N GLN B 29 -18.37 -9.06 -1.21
CA GLN B 29 -19.17 -7.90 -0.76
C GLN B 29 -19.25 -6.85 -1.85
N TRP B 30 -18.30 -6.86 -2.78
CA TRP B 30 -18.40 -6.05 -4.00
C TRP B 30 -19.46 -6.65 -4.92
N GLN B 31 -19.43 -7.98 -5.10
CA GLN B 31 -20.42 -8.72 -5.89
C GLN B 31 -21.88 -8.31 -5.64
N ASN B 32 -22.30 -8.28 -4.38
CA ASN B 32 -23.69 -7.93 -4.12
C ASN B 32 -23.98 -6.42 -4.18
N ILE B 33 -23.00 -5.65 -4.67
CA ILE B 33 -23.21 -4.26 -5.07
C ILE B 33 -23.25 -4.16 -6.58
N LEU B 34 -22.42 -4.94 -7.28
CA LEU B 34 -22.25 -4.81 -8.72
C LEU B 34 -23.01 -5.83 -9.56
N ASP B 35 -23.17 -7.05 -9.05
CA ASP B 35 -23.92 -8.10 -9.75
C ASP B 35 -25.32 -8.09 -9.21
CL CL C . -4.26 -9.67 15.12
MG MG D . -1.51 -1.79 -8.02
S SO4 E . 12.57 -14.27 19.20
O1 SO4 E . 13.77 -14.94 18.71
O2 SO4 E . 11.86 -13.81 18.02
O3 SO4 E . 11.73 -15.15 20.05
O4 SO4 E . 12.89 -13.14 20.05
S SO4 F . -12.47 -9.38 3.57
O1 SO4 F . -11.63 -10.30 2.79
O2 SO4 F . -12.83 -8.18 2.80
O3 SO4 F . -13.68 -10.13 3.92
O4 SO4 F . -11.81 -8.93 4.79
PG GCP G . -2.68 1.35 -8.84
O1G GCP G . -2.74 -0.10 -8.46
O2G GCP G . -3.05 2.34 -7.72
O3G GCP G . -3.37 1.68 -10.12
C3B GCP G . -0.91 1.63 -9.19
PB GCP G . 0.26 1.07 -7.91
O1B GCP G . 0.28 2.06 -6.73
O2B GCP G . -0.10 -0.36 -7.60
O3A GCP G . 1.72 1.13 -8.54
PA GCP G . 2.50 -0.07 -9.29
O1A GCP G . 3.10 -1.00 -8.25
O2A GCP G . 1.68 -0.68 -10.40
O5' GCP G . 3.76 0.72 -9.89
C5' GCP G . 3.70 1.92 -10.67
C4' GCP G . 4.94 2.11 -11.55
O4' GCP G . 6.07 2.43 -10.73
C3' GCP G . 5.35 0.87 -12.32
O3' GCP G . 5.84 1.25 -13.60
C2' GCP G . 6.47 0.24 -11.51
O2' GCP G . 7.39 -0.49 -12.31
C1' GCP G . 7.09 1.44 -10.83
N9 GCP G . 7.56 1.21 -9.44
C8 GCP G . 6.87 0.73 -8.39
N7 GCP G . 7.65 0.71 -7.28
C5 GCP G . 8.85 1.19 -7.62
C6 GCP G . 10.19 1.46 -6.96
O6 GCP G . 10.39 1.22 -5.75
N1 GCP G . 11.16 1.98 -7.72
C2 GCP G . 11.00 2.25 -9.02
N2 GCP G . 12.04 2.77 -9.72
N3 GCP G . 9.85 2.04 -9.68
C4 GCP G . 8.77 1.53 -9.05
S SO4 H . 14.27 -15.17 8.28
O1 SO4 H . 14.09 -15.62 9.67
O2 SO4 H . 15.47 -15.78 7.68
O3 SO4 H . 13.11 -15.61 7.52
O4 SO4 H . 14.40 -13.72 8.27
#